data_3K2Y
#
_entry.id   3K2Y
#
_cell.length_a   51.254
_cell.length_b   86.288
_cell.length_c   110.512
_cell.angle_alpha   90.00
_cell.angle_beta   90.00
_cell.angle_gamma   90.00
#
_symmetry.space_group_name_H-M   'P 21 21 21'
#
loop_
_entity.id
_entity.type
_entity.pdbx_description
1 polymer 'uncharacterized protein lp_0118'
2 water water
#
_entity_poly.entity_id   1
_entity_poly.type   'polypeptide(L)'
_entity_poly.pdbx_seq_one_letter_code
;TGDAAVALDTVTVVGERYVDDIVATLTTLRVGMAVLLQRESGNQYDDNAISVWTLQHAKLGYIARYQNQPYATLMDQGQR
LYGIVTVLDQQKQHLELMLWRLEHHHHHH
;
_entity_poly.pdbx_strand_id   A,B,C,D
#
# COMPACT_ATOMS: atom_id res chain seq x y z
N GLY A 2 -35.44 -0.85 -24.87
CA GLY A 2 -35.99 -1.61 -23.76
C GLY A 2 -35.39 -1.38 -22.35
N ASP A 3 -34.43 -2.24 -21.99
CA ASP A 3 -33.53 -2.12 -20.95
C ASP A 3 -32.35 -2.65 -21.66
N ALA A 4 -31.16 -2.27 -21.30
CA ALA A 4 -30.05 -2.48 -22.05
C ALA A 4 -28.97 -2.53 -21.13
N ALA A 5 -27.95 -3.25 -21.38
CA ALA A 5 -26.85 -3.44 -20.58
C ALA A 5 -25.61 -3.37 -21.30
N VAL A 6 -24.74 -2.57 -20.87
CA VAL A 6 -23.48 -2.39 -21.56
C VAL A 6 -22.34 -3.01 -20.77
N ALA A 7 -21.55 -3.84 -21.44
CA ALA A 7 -20.42 -4.51 -20.81
C ALA A 7 -19.29 -3.51 -20.59
N LEU A 8 -18.65 -3.61 -19.44
CA LEU A 8 -17.54 -2.72 -19.10
C LEU A 8 -16.27 -3.55 -19.11
N ASP A 9 -15.83 -4.00 -17.93
CA ASP A 9 -14.63 -4.81 -17.85
C ASP A 9 -14.72 -5.77 -16.68
N THR A 10 -13.66 -6.55 -16.48
CA THR A 10 -13.62 -7.53 -15.41
C THR A 10 -12.84 -7.00 -14.21
N VAL A 11 -13.24 -7.44 -13.02
CA VAL A 11 -12.58 -7.02 -11.80
C VAL A 11 -12.45 -8.19 -10.84
N THR A 12 -11.58 -8.05 -9.85
CA THR A 12 -11.38 -9.09 -8.85
C THR A 12 -11.99 -8.63 -7.54
N VAL A 13 -12.55 -9.56 -6.79
CA VAL A 13 -13.15 -9.23 -5.50
C VAL A 13 -12.25 -9.73 -4.38
N VAL A 14 -11.73 -8.80 -3.60
CA VAL A 14 -10.84 -9.12 -2.50
C VAL A 14 -11.51 -8.89 -1.15
N GLY A 15 -10.77 -9.15 -0.08
CA GLY A 15 -11.29 -8.96 1.26
C GLY A 15 -12.19 -10.04 1.80
N GLU A 16 -12.31 -11.16 1.10
CA GLU A 16 -13.18 -12.25 1.57
C GLU A 16 -12.86 -12.68 3.00
N ARG A 17 -11.58 -12.87 3.30
CA ARG A 17 -11.15 -13.29 4.63
C ARG A 17 -11.78 -12.47 5.75
N TYR A 18 -12.11 -11.22 5.46
CA TYR A 18 -12.70 -10.33 6.46
C TYR A 18 -14.22 -10.42 6.52
N VAL A 19 -14.80 -11.25 5.65
CA VAL A 19 -16.24 -11.44 5.60
C VAL A 19 -16.66 -12.62 6.47
N ASP A 20 -17.50 -12.36 7.46
CA ASP A 20 -17.97 -13.39 8.40
C ASP A 20 -18.45 -14.70 7.79
N ASP A 21 -19.70 -14.71 7.34
CA ASP A 21 -20.30 -15.91 6.77
C ASP A 21 -19.68 -16.25 5.41
N ILE A 22 -18.60 -15.54 5.07
CA ILE A 22 -17.91 -15.71 3.80
C ILE A 22 -17.93 -17.13 3.22
N VAL A 23 -17.71 -18.14 4.06
CA VAL A 23 -17.68 -19.53 3.60
C VAL A 23 -19.03 -20.04 3.07
N ALA A 24 -20.10 -19.78 3.81
CA ALA A 24 -21.44 -20.23 3.40
C ALA A 24 -21.99 -19.38 2.26
N THR A 25 -21.68 -18.08 2.28
CA THR A 25 -22.14 -17.16 1.25
C THR A 25 -21.61 -17.50 -0.13
N LEU A 26 -20.36 -17.94 -0.20
CA LEU A 26 -19.77 -18.30 -1.49
C LEU A 26 -20.52 -19.51 -2.04
N THR A 27 -21.45 -20.03 -1.24
CA THR A 27 -22.24 -21.18 -1.62
C THR A 27 -23.54 -20.74 -2.29
N THR A 28 -24.05 -19.57 -1.89
CA THR A 28 -25.27 -19.03 -2.46
C THR A 28 -24.97 -18.38 -3.80
N LEU A 29 -23.76 -18.62 -4.32
CA LEU A 29 -23.33 -18.04 -5.58
C LEU A 29 -22.69 -19.09 -6.49
N ARG A 30 -23.02 -19.00 -7.77
CA ARG A 30 -22.48 -19.92 -8.78
C ARG A 30 -21.95 -19.11 -9.95
N VAL A 31 -20.93 -19.62 -10.62
CA VAL A 31 -20.35 -18.94 -11.78
C VAL A 31 -21.45 -18.52 -12.74
N GLY A 32 -21.29 -17.36 -13.37
CA GLY A 32 -22.29 -16.88 -14.32
C GLY A 32 -23.52 -16.29 -13.65
N MET A 33 -23.45 -16.09 -12.34
CA MET A 33 -24.56 -15.54 -11.58
C MET A 33 -24.31 -14.04 -11.40
N ALA A 34 -25.38 -13.26 -11.29
CA ALA A 34 -25.23 -11.83 -11.12
C ALA A 34 -25.04 -11.48 -9.63
N VAL A 35 -24.39 -10.35 -9.37
CA VAL A 35 -24.16 -9.87 -8.01
C VAL A 35 -24.45 -8.38 -7.95
N LEU A 36 -24.78 -7.90 -6.76
CA LEU A 36 -25.10 -6.49 -6.58
C LEU A 36 -23.88 -5.68 -6.13
N LEU A 37 -23.83 -4.41 -6.54
CA LEU A 37 -22.73 -3.53 -6.18
C LEU A 37 -23.21 -2.39 -5.27
N GLN A 38 -22.35 -2.00 -4.34
CA GLN A 38 -22.68 -0.94 -3.40
C GLN A 38 -21.52 0.01 -3.22
N ARG A 39 -21.75 1.28 -3.51
CA ARG A 39 -20.75 2.32 -3.36
C ARG A 39 -20.66 2.73 -1.90
N GLU A 40 -19.45 2.76 -1.37
CA GLU A 40 -19.26 3.15 0.03
C GLU A 40 -18.22 4.28 0.09
N SER A 41 -18.64 5.48 -0.28
CA SER A 41 -17.73 6.62 -0.27
C SER A 41 -17.38 6.99 1.16
N GLY A 42 -18.05 6.36 2.12
CA GLY A 42 -17.79 6.63 3.53
C GLY A 42 -16.87 5.61 4.15
N ASN A 43 -16.38 4.66 3.35
CA ASN A 43 -15.48 3.63 3.85
C ASN A 43 -14.21 4.31 4.38
N GLN A 44 -13.91 4.08 5.66
CA GLN A 44 -12.75 4.70 6.29
C GLN A 44 -11.41 4.26 5.71
N TYR A 45 -11.39 3.15 4.98
CA TYR A 45 -10.14 2.67 4.41
C TYR A 45 -9.95 3.09 2.96
N ASP A 46 -11.04 3.40 2.27
CA ASP A 46 -10.98 3.80 0.87
C ASP A 46 -12.24 4.54 0.46
N ASP A 47 -12.12 5.81 0.13
CA ASP A 47 -13.28 6.60 -0.27
C ASP A 47 -13.81 6.17 -1.63
N ASN A 48 -13.10 5.29 -2.31
CA ASN A 48 -13.52 4.80 -3.62
C ASN A 48 -14.07 3.39 -3.53
N ALA A 49 -14.14 2.89 -2.30
CA ALA A 49 -14.63 1.55 -2.01
C ALA A 49 -15.95 1.21 -2.66
N ILE A 50 -16.06 -0.07 -3.05
CA ILE A 50 -17.25 -0.62 -3.65
C ILE A 50 -17.36 -2.08 -3.21
N SER A 51 -18.29 -2.34 -2.29
CA SER A 51 -18.49 -3.69 -1.80
C SER A 51 -19.36 -4.48 -2.76
N VAL A 52 -19.16 -5.79 -2.78
CA VAL A 52 -19.91 -6.68 -3.66
C VAL A 52 -20.85 -7.53 -2.82
N TRP A 53 -22.02 -7.84 -3.36
CA TRP A 53 -23.00 -8.63 -2.64
C TRP A 53 -23.76 -9.61 -3.52
N THR A 54 -24.36 -10.61 -2.88
CA THR A 54 -25.15 -11.63 -3.56
C THR A 54 -26.55 -11.07 -3.75
N LEU A 55 -27.33 -11.69 -4.62
CA LEU A 55 -28.69 -11.23 -4.87
C LEU A 55 -29.51 -11.35 -3.58
N GLN A 56 -29.06 -12.20 -2.67
CA GLN A 56 -29.74 -12.40 -1.39
C GLN A 56 -29.21 -11.38 -0.38
N HIS A 57 -28.26 -10.56 -0.82
CA HIS A 57 -27.68 -9.52 0.01
C HIS A 57 -26.72 -10.03 1.08
N ALA A 58 -25.77 -10.84 0.67
CA ALA A 58 -24.76 -11.38 1.57
C ALA A 58 -23.44 -10.84 1.03
N LYS A 59 -22.69 -10.14 1.88
CA LYS A 59 -21.42 -9.54 1.47
C LYS A 59 -20.41 -10.58 0.99
N LEU A 60 -19.71 -10.23 -0.09
CA LEU A 60 -18.69 -11.09 -0.68
C LEU A 60 -17.32 -10.47 -0.55
N GLY A 61 -17.27 -9.14 -0.49
CA GLY A 61 -16.00 -8.46 -0.38
C GLY A 61 -16.01 -7.08 -1.02
N TYR A 62 -14.90 -6.73 -1.66
CA TYR A 62 -14.77 -5.43 -2.32
C TYR A 62 -14.09 -5.54 -3.67
N ILE A 63 -14.27 -4.51 -4.49
CA ILE A 63 -13.61 -4.46 -5.81
C ILE A 63 -12.18 -4.10 -5.43
N ALA A 64 -11.21 -4.82 -5.98
CA ALA A 64 -9.79 -4.56 -5.70
C ALA A 64 -9.47 -3.07 -5.82
N ARG A 65 -8.67 -2.57 -4.88
CA ARG A 65 -8.28 -1.15 -4.84
C ARG A 65 -7.64 -0.61 -6.12
N TYR A 66 -6.95 -1.49 -6.86
CA TYR A 66 -6.30 -1.08 -8.10
C TYR A 66 -7.28 -1.12 -9.29
N GLN A 67 -8.57 -1.24 -8.99
CA GLN A 67 -9.61 -1.30 -10.01
C GLN A 67 -10.81 -0.45 -9.55
N ASN A 68 -10.61 0.25 -8.44
CA ASN A 68 -11.63 1.09 -7.80
C ASN A 68 -12.06 2.35 -8.53
N GLN A 69 -11.14 3.32 -8.58
CA GLN A 69 -11.34 4.62 -9.20
C GLN A 69 -12.36 4.78 -10.33
N PRO A 70 -12.14 4.10 -11.46
CA PRO A 70 -13.06 4.19 -12.61
C PRO A 70 -14.54 3.99 -12.29
N TYR A 71 -14.87 2.81 -11.75
CA TYR A 71 -16.25 2.49 -11.44
C TYR A 71 -16.80 3.37 -10.33
N ALA A 72 -15.94 3.77 -9.40
CA ALA A 72 -16.33 4.63 -8.30
C ALA A 72 -16.85 5.95 -8.86
N THR A 73 -16.16 6.46 -9.88
CA THR A 73 -16.55 7.71 -10.52
C THR A 73 -17.86 7.55 -11.29
N LEU A 74 -18.01 6.44 -12.00
CA LEU A 74 -19.23 6.18 -12.76
C LEU A 74 -20.45 6.08 -11.86
N MET A 75 -20.31 5.41 -10.72
CA MET A 75 -21.41 5.23 -9.79
C MET A 75 -21.81 6.56 -9.17
N ASP A 76 -20.84 7.46 -8.99
CA ASP A 76 -21.12 8.78 -8.42
C ASP A 76 -21.87 9.65 -9.41
N GLN A 77 -21.82 9.28 -10.68
CA GLN A 77 -22.52 10.02 -11.73
C GLN A 77 -23.94 9.48 -11.93
N GLY A 78 -24.33 8.55 -11.04
CA GLY A 78 -25.66 7.98 -11.11
C GLY A 78 -25.80 6.70 -11.91
N GLN A 79 -24.73 6.24 -12.53
CA GLN A 79 -24.79 5.02 -13.34
C GLN A 79 -25.11 3.79 -12.48
N ARG A 80 -25.99 2.93 -13.00
CA ARG A 80 -26.37 1.72 -12.30
C ARG A 80 -25.46 0.58 -12.73
N LEU A 81 -24.62 0.12 -11.81
CA LEU A 81 -23.65 -0.93 -12.09
C LEU A 81 -23.88 -2.23 -11.31
N TYR A 82 -23.53 -3.33 -11.94
CA TYR A 82 -23.66 -4.64 -11.31
C TYR A 82 -22.65 -5.56 -11.95
N GLY A 83 -22.53 -6.77 -11.42
CA GLY A 83 -21.58 -7.71 -11.98
C GLY A 83 -22.10 -9.12 -12.18
N ILE A 84 -21.36 -9.89 -12.96
CA ILE A 84 -21.70 -11.27 -13.23
C ILE A 84 -20.47 -12.11 -12.87
N VAL A 85 -20.65 -13.07 -11.97
CA VAL A 85 -19.55 -13.93 -11.55
C VAL A 85 -18.90 -14.58 -12.77
N THR A 86 -17.63 -14.24 -12.99
CA THR A 86 -16.88 -14.75 -14.13
C THR A 86 -16.00 -15.95 -13.74
N VAL A 87 -15.34 -15.86 -12.59
CA VAL A 87 -14.47 -16.92 -12.08
C VAL A 87 -14.68 -17.06 -10.58
N LEU A 88 -14.65 -18.29 -10.06
CA LEU A 88 -14.88 -18.47 -8.64
C LEU A 88 -13.71 -18.99 -7.82
N ASP A 89 -13.15 -20.14 -8.18
CA ASP A 89 -12.02 -20.71 -7.42
C ASP A 89 -12.34 -20.65 -5.92
N GLN A 90 -13.52 -21.18 -5.57
CA GLN A 90 -14.04 -21.19 -4.21
C GLN A 90 -13.20 -21.67 -3.04
N GLN A 91 -12.22 -22.54 -3.26
CA GLN A 91 -11.42 -23.00 -2.14
C GLN A 91 -10.33 -22.01 -1.79
N LYS A 92 -10.03 -21.14 -2.74
CA LYS A 92 -9.03 -20.10 -2.53
C LYS A 92 -9.79 -18.82 -2.25
N GLN A 93 -11.12 -18.96 -2.23
CA GLN A 93 -12.01 -17.83 -1.98
C GLN A 93 -11.70 -16.74 -3.01
N HIS A 94 -11.49 -17.15 -4.25
CA HIS A 94 -11.20 -16.22 -5.34
C HIS A 94 -12.52 -15.75 -5.92
N LEU A 95 -12.52 -14.67 -6.67
CA LEU A 95 -13.75 -14.16 -7.26
C LEU A 95 -13.48 -13.04 -8.25
N GLU A 96 -13.86 -13.28 -9.50
CA GLU A 96 -13.68 -12.28 -10.55
C GLU A 96 -15.05 -12.04 -11.19
N LEU A 97 -15.26 -10.84 -11.71
CA LEU A 97 -16.54 -10.50 -12.31
C LEU A 97 -16.38 -9.67 -13.57
N MET A 98 -17.44 -9.66 -14.39
CA MET A 98 -17.47 -8.84 -15.60
C MET A 98 -18.52 -7.80 -15.23
N LEU A 99 -18.11 -6.55 -15.10
CA LEU A 99 -19.03 -5.49 -14.72
C LEU A 99 -19.86 -5.01 -15.91
N TRP A 100 -21.10 -4.63 -15.61
CA TRP A 100 -22.03 -4.14 -16.62
C TRP A 100 -22.75 -2.91 -16.11
N ARG A 101 -23.20 -2.08 -17.05
CA ARG A 101 -23.94 -0.88 -16.72
C ARG A 101 -25.36 -1.13 -17.21
N LEU A 102 -26.34 -0.76 -16.40
CA LEU A 102 -27.74 -0.97 -16.75
C LEU A 102 -28.39 0.32 -17.25
N GLU A 103 -28.88 0.30 -18.49
CA GLU A 103 -29.56 1.46 -19.08
C GLU A 103 -31.06 1.22 -19.13
N HIS A 104 -31.83 1.97 -18.35
CA HIS A 104 -33.28 1.81 -18.35
C HIS A 104 -33.92 2.77 -19.34
N THR B 1 19.89 -1.32 25.21
CA THR B 1 20.42 -0.82 26.52
C THR B 1 21.80 -1.40 26.83
N GLY B 2 22.56 -0.64 27.63
CA GLY B 2 23.91 -1.03 27.97
C GLY B 2 24.81 -0.03 27.27
N ASP B 3 24.17 0.80 26.46
CA ASP B 3 24.81 1.86 25.68
C ASP B 3 26.07 1.46 24.92
N ALA B 4 25.88 0.59 23.94
CA ALA B 4 26.97 0.14 23.09
C ALA B 4 26.50 0.33 21.66
N ALA B 5 27.42 0.62 20.76
CA ALA B 5 27.06 0.84 19.37
C ALA B 5 27.84 -0.10 18.46
N VAL B 6 27.12 -0.95 17.72
CA VAL B 6 27.76 -1.89 16.81
C VAL B 6 27.54 -1.42 15.37
N ALA B 7 28.62 -1.25 14.63
CA ALA B 7 28.54 -0.81 13.24
C ALA B 7 27.94 -1.96 12.43
N LEU B 8 27.13 -1.61 11.43
CA LEU B 8 26.51 -2.61 10.58
C LEU B 8 27.11 -2.61 9.19
N ASP B 9 26.71 -1.65 8.36
CA ASP B 9 27.22 -1.56 7.00
C ASP B 9 26.75 -0.27 6.34
N THR B 10 27.21 -0.02 5.12
CA THR B 10 26.85 1.19 4.37
C THR B 10 25.61 1.03 3.48
N VAL B 11 24.86 2.12 3.35
CA VAL B 11 23.65 2.15 2.51
C VAL B 11 23.58 3.49 1.81
N THR B 12 22.74 3.57 0.78
CA THR B 12 22.58 4.80 0.02
C THR B 12 21.17 5.36 0.16
N VAL B 13 21.07 6.63 0.54
CA VAL B 13 19.78 7.30 0.72
C VAL B 13 19.37 7.95 -0.60
N VAL B 14 18.31 7.42 -1.20
CA VAL B 14 17.79 7.93 -2.48
C VAL B 14 16.43 8.61 -2.34
N GLY B 15 15.92 9.14 -3.45
CA GLY B 15 14.62 9.78 -3.45
C GLY B 15 14.55 11.18 -2.87
N GLU B 16 15.70 11.77 -2.55
CA GLU B 16 15.74 13.11 -1.96
C GLU B 16 14.95 14.10 -2.80
N ARG B 17 15.04 13.92 -4.11
CA ARG B 17 14.37 14.79 -5.07
C ARG B 17 12.84 14.87 -4.92
N TYR B 18 12.24 13.88 -4.26
CA TYR B 18 10.80 13.86 -4.06
C TYR B 18 10.37 14.28 -2.66
N VAL B 19 11.33 14.73 -1.86
CA VAL B 19 11.04 15.15 -0.48
C VAL B 19 10.83 16.66 -0.36
N ASP B 20 9.70 17.07 0.19
CA ASP B 20 9.41 18.49 0.37
C ASP B 20 10.55 19.13 1.15
N ASP B 21 10.91 20.35 0.76
CA ASP B 21 11.98 21.09 1.42
C ASP B 21 13.25 20.28 1.62
N ILE B 22 13.64 19.54 0.59
CA ILE B 22 14.85 18.71 0.63
C ILE B 22 16.12 19.57 0.60
N VAL B 23 16.05 20.71 -0.07
CA VAL B 23 17.20 21.59 -0.19
C VAL B 23 17.63 22.11 1.18
N ALA B 24 16.75 22.89 1.80
CA ALA B 24 17.03 23.46 3.12
C ALA B 24 17.43 22.34 4.10
N THR B 25 16.74 21.21 4.02
CA THR B 25 17.02 20.09 4.90
C THR B 25 18.45 19.57 4.80
N LEU B 26 18.97 19.45 3.57
CA LEU B 26 20.33 18.94 3.40
C LEU B 26 21.39 19.87 3.98
N THR B 27 21.03 21.13 4.19
CA THR B 27 21.98 22.09 4.74
C THR B 27 22.01 22.02 6.27
N THR B 28 21.09 21.26 6.86
CA THR B 28 21.03 21.11 8.30
C THR B 28 21.79 19.87 8.78
N LEU B 29 22.68 19.37 7.92
CA LEU B 29 23.49 18.21 8.25
C LEU B 29 24.77 18.17 7.42
N ARG B 30 25.78 17.46 7.92
CA ARG B 30 27.06 17.35 7.23
C ARG B 30 27.71 16.00 7.53
N VAL B 31 28.82 15.72 6.85
CA VAL B 31 29.54 14.47 7.06
C VAL B 31 29.88 14.22 8.53
N GLY B 32 29.82 12.95 8.92
CA GLY B 32 30.13 12.58 10.30
C GLY B 32 29.04 12.93 11.29
N MET B 33 27.88 13.34 10.79
CA MET B 33 26.76 13.69 11.66
C MET B 33 25.82 12.49 11.76
N ALA B 34 24.90 12.54 12.73
CA ALA B 34 23.96 11.45 12.93
C ALA B 34 22.57 11.73 12.37
N VAL B 35 21.92 10.69 11.87
CA VAL B 35 20.57 10.79 11.33
C VAL B 35 19.73 9.63 11.88
N LEU B 36 18.42 9.76 11.83
CA LEU B 36 17.54 8.70 12.32
C LEU B 36 16.91 7.91 11.20
N LEU B 37 16.36 6.75 11.54
CA LEU B 37 15.70 5.89 10.57
C LEU B 37 14.36 5.43 11.12
N GLN B 38 13.35 5.41 10.26
CA GLN B 38 12.04 4.95 10.67
C GLN B 38 11.40 4.12 9.55
N ARG B 39 10.65 3.11 9.96
CA ARG B 39 9.97 2.22 9.03
C ARG B 39 8.73 2.88 8.47
N GLU B 40 8.29 2.37 7.33
CA GLU B 40 7.07 2.85 6.70
C GLU B 40 6.30 1.59 6.38
N SER B 41 5.93 0.88 7.45
CA SER B 41 5.18 -0.36 7.36
C SER B 41 3.93 -0.15 6.53
N GLY B 42 3.60 -1.14 5.70
CA GLY B 42 2.42 -1.04 4.87
C GLY B 42 2.60 -0.23 3.60
N ASN B 43 3.83 0.19 3.33
CA ASN B 43 4.09 0.95 2.11
C ASN B 43 3.63 0.07 0.95
N GLN B 44 2.79 0.61 0.08
CA GLN B 44 2.25 -0.15 -1.03
C GLN B 44 3.25 -0.55 -2.11
N TYR B 45 4.40 0.11 -2.14
CA TYR B 45 5.41 -0.18 -3.15
C TYR B 45 6.54 -1.07 -2.63
N ASP B 46 6.82 -0.97 -1.33
CA ASP B 46 7.91 -1.75 -0.76
C ASP B 46 7.62 -2.07 0.71
N ASP B 47 7.71 -3.35 1.05
CA ASP B 47 7.46 -3.80 2.42
C ASP B 47 8.62 -3.56 3.36
N ASN B 48 9.79 -3.29 2.80
CA ASN B 48 11.00 -3.04 3.59
C ASN B 48 11.35 -1.57 3.58
N ALA B 49 10.40 -0.73 3.16
CA ALA B 49 10.63 0.71 3.09
C ALA B 49 11.09 1.30 4.42
N ILE B 50 12.22 1.99 4.36
CA ILE B 50 12.80 2.66 5.52
C ILE B 50 13.15 4.07 5.06
N SER B 51 12.71 5.08 5.81
CA SER B 51 13.00 6.46 5.45
C SER B 51 14.06 7.03 6.40
N VAL B 52 14.80 8.02 5.93
CA VAL B 52 15.88 8.62 6.71
C VAL B 52 15.52 10.04 7.18
N TRP B 53 15.84 10.35 8.44
CA TRP B 53 15.53 11.66 9.00
C TRP B 53 16.68 12.28 9.78
N THR B 54 16.67 13.61 9.85
CA THR B 54 17.69 14.34 10.59
C THR B 54 17.31 14.26 12.07
N LEU B 55 18.18 14.73 12.94
CA LEU B 55 17.90 14.70 14.37
C LEU B 55 16.73 15.62 14.69
N GLN B 56 16.50 16.61 13.84
CA GLN B 56 15.40 17.57 14.02
C GLN B 56 14.12 17.11 13.31
N HIS B 57 14.13 15.88 12.83
CA HIS B 57 13.00 15.28 12.14
C HIS B 57 12.66 15.97 10.81
N ALA B 58 13.65 16.10 9.95
CA ALA B 58 13.45 16.69 8.63
C ALA B 58 13.70 15.53 7.69
N LYS B 59 12.70 15.19 6.86
CA LYS B 59 12.84 14.06 5.95
C LYS B 59 13.95 14.24 4.91
N LEU B 60 14.79 13.22 4.77
CA LEU B 60 15.90 13.22 3.84
C LEU B 60 15.63 12.35 2.62
N GLY B 61 15.00 11.20 2.86
CA GLY B 61 14.70 10.28 1.76
C GLY B 61 14.51 8.85 2.25
N TYR B 62 14.74 7.89 1.36
CA TYR B 62 14.59 6.49 1.72
C TYR B 62 15.86 5.69 1.49
N ILE B 63 15.98 4.56 2.16
CA ILE B 63 17.14 3.71 1.97
C ILE B 63 16.85 2.94 0.68
N ALA B 64 17.86 2.84 -0.18
CA ALA B 64 17.72 2.15 -1.45
C ALA B 64 17.11 0.76 -1.26
N ARG B 65 16.17 0.41 -2.14
CA ARG B 65 15.50 -0.88 -2.09
C ARG B 65 16.45 -2.08 -2.17
N TYR B 66 17.48 -1.97 -3.00
CA TYR B 66 18.41 -3.08 -3.18
C TYR B 66 19.30 -3.33 -1.96
N GLN B 67 18.91 -2.78 -0.82
CA GLN B 67 19.71 -2.97 0.39
C GLN B 67 18.97 -2.67 1.70
N ASN B 68 17.65 -2.55 1.64
CA ASN B 68 16.87 -2.25 2.85
C ASN B 68 16.32 -3.47 3.59
N GLN B 69 16.11 -4.57 2.87
CA GLN B 69 15.56 -5.80 3.45
C GLN B 69 16.25 -6.24 4.75
N PRO B 70 17.59 -6.37 4.73
CA PRO B 70 18.30 -6.79 5.95
C PRO B 70 17.96 -5.91 7.13
N TYR B 71 18.05 -4.60 6.93
CA TYR B 71 17.78 -3.62 7.98
C TYR B 71 16.30 -3.51 8.34
N ALA B 72 15.43 -3.81 7.39
CA ALA B 72 14.00 -3.74 7.64
C ALA B 72 13.58 -4.85 8.60
N THR B 73 14.21 -6.01 8.46
CA THR B 73 13.91 -7.16 9.30
C THR B 73 14.37 -6.93 10.73
N LEU B 74 15.55 -6.35 10.88
CA LEU B 74 16.11 -6.07 12.19
C LEU B 74 15.22 -5.10 12.95
N MET B 75 14.85 -4.00 12.32
CA MET B 75 13.99 -2.99 12.95
C MET B 75 12.65 -3.59 13.41
N ASP B 76 12.06 -4.45 12.58
CA ASP B 76 10.78 -5.07 12.95
C ASP B 76 10.93 -5.99 14.14
N GLN B 77 12.16 -6.41 14.42
CA GLN B 77 12.44 -7.28 15.55
C GLN B 77 12.66 -6.48 16.82
N GLY B 78 12.46 -5.17 16.73
CA GLY B 78 12.64 -4.31 17.89
C GLY B 78 14.01 -3.66 18.00
N GLN B 79 14.96 -4.11 17.19
CA GLN B 79 16.31 -3.55 17.19
C GLN B 79 16.31 -2.08 16.78
N ARG B 80 17.08 -1.28 17.50
CA ARG B 80 17.16 0.15 17.20
C ARG B 80 18.37 0.50 16.34
N LEU B 81 18.13 1.07 15.18
CA LEU B 81 19.20 1.46 14.27
C LEU B 81 19.20 2.95 13.99
N TYR B 82 20.34 3.46 13.55
CA TYR B 82 20.49 4.87 13.22
C TYR B 82 21.62 5.01 12.21
N GLY B 83 21.88 6.24 11.77
CA GLY B 83 22.96 6.41 10.81
C GLY B 83 23.88 7.58 11.05
N ILE B 84 25.06 7.49 10.46
CA ILE B 84 26.07 8.52 10.55
C ILE B 84 26.38 8.88 9.11
N VAL B 85 26.15 10.14 8.74
CA VAL B 85 26.41 10.59 7.38
C VAL B 85 27.85 10.33 6.97
N THR B 86 28.02 9.67 5.84
CA THR B 86 29.35 9.36 5.31
C THR B 86 29.64 10.31 4.15
N VAL B 87 28.75 10.32 3.17
CA VAL B 87 28.88 11.17 1.99
C VAL B 87 27.68 12.10 1.88
N LEU B 88 27.92 13.34 1.50
CA LEU B 88 26.85 14.32 1.36
C LEU B 88 27.18 15.44 0.39
N ASP B 89 26.64 15.35 -0.82
CA ASP B 89 26.87 16.38 -1.83
C ASP B 89 25.56 17.09 -2.11
N GLN B 90 25.31 18.16 -1.37
CA GLN B 90 24.08 18.94 -1.53
C GLN B 90 23.81 19.25 -2.99
N GLN B 91 24.88 19.34 -3.76
CA GLN B 91 24.82 19.61 -5.19
C GLN B 91 23.90 18.63 -5.92
N LYS B 92 24.34 17.38 -6.03
CA LYS B 92 23.56 16.35 -6.72
C LYS B 92 22.61 15.64 -5.77
N GLN B 93 22.55 16.10 -4.52
CA GLN B 93 21.70 15.52 -3.50
C GLN B 93 21.93 14.02 -3.34
N HIS B 94 23.20 13.65 -3.15
CA HIS B 94 23.57 12.25 -2.97
C HIS B 94 23.88 12.10 -1.49
N LEU B 95 23.52 10.95 -0.91
CA LEU B 95 23.76 10.72 0.52
C LEU B 95 24.04 9.26 0.81
N GLU B 96 25.03 9.03 1.66
CA GLU B 96 25.41 7.68 2.07
C GLU B 96 25.58 7.63 3.59
N LEU B 97 25.38 6.45 4.18
CA LEU B 97 25.49 6.30 5.61
C LEU B 97 26.14 5.00 6.04
N MET B 98 26.54 4.96 7.30
CA MET B 98 27.11 3.77 7.90
C MET B 98 26.12 3.49 9.02
N LEU B 99 25.27 2.49 8.83
CA LEU B 99 24.27 2.17 9.83
C LEU B 99 24.89 1.57 11.08
N TRP B 100 24.30 1.89 12.23
CA TRP B 100 24.77 1.39 13.52
C TRP B 100 23.58 0.89 14.31
N ARG B 101 23.81 -0.14 15.11
CA ARG B 101 22.76 -0.69 15.96
C ARG B 101 23.10 -0.28 17.38
N LEU B 102 22.12 0.26 18.08
CA LEU B 102 22.33 0.69 19.47
C LEU B 102 21.68 -0.34 20.38
N GLU B 103 22.44 -0.83 21.35
CA GLU B 103 21.89 -1.82 22.29
C GLU B 103 22.61 -1.80 23.63
N GLY C 2 -5.82 2.62 38.37
CA GLY C 2 -5.01 2.13 37.21
C GLY C 2 -3.69 2.86 37.05
N ASP C 3 -2.65 2.35 37.69
CA ASP C 3 -1.32 2.95 37.62
C ASP C 3 -0.29 2.01 37.00
N ALA C 4 -0.68 1.28 35.96
CA ALA C 4 0.23 0.36 35.30
C ALA C 4 -0.18 0.11 33.84
N ALA C 5 0.80 0.08 32.95
CA ALA C 5 0.53 -0.14 31.53
C ALA C 5 1.48 -1.17 30.92
N VAL C 6 0.90 -2.08 30.12
CA VAL C 6 1.68 -3.13 29.47
C VAL C 6 1.70 -2.89 27.96
N ALA C 7 2.88 -3.04 27.36
CA ALA C 7 3.05 -2.85 25.93
C ALA C 7 2.53 -4.07 25.18
N LEU C 8 1.82 -3.82 24.08
CA LEU C 8 1.27 -4.88 23.25
C LEU C 8 2.12 -5.04 22.00
N ASP C 9 1.69 -4.45 20.90
CA ASP C 9 2.44 -4.52 19.66
C ASP C 9 2.21 -3.26 18.83
N THR C 10 2.95 -3.14 17.73
CA THR C 10 2.87 -1.99 16.85
C THR C 10 1.76 -2.16 15.81
N VAL C 11 1.16 -1.04 15.42
CA VAL C 11 0.09 -1.05 14.43
C VAL C 11 0.21 0.18 13.54
N THR C 12 -0.38 0.09 12.36
CA THR C 12 -0.35 1.19 11.42
C THR C 12 -1.73 1.84 11.37
N VAL C 13 -1.74 3.17 11.45
CA VAL C 13 -2.99 3.91 11.38
C VAL C 13 -3.17 4.27 9.92
N VAL C 14 -4.31 3.90 9.35
CA VAL C 14 -4.61 4.16 7.95
C VAL C 14 -5.81 5.08 7.78
N GLY C 15 -6.11 5.40 6.52
CA GLY C 15 -7.25 6.26 6.20
C GLY C 15 -7.09 7.74 6.51
N GLU C 16 -5.89 8.16 6.91
CA GLU C 16 -5.64 9.56 7.24
C GLU C 16 -6.21 10.52 6.21
N ARG C 17 -5.90 10.25 4.94
CA ARG C 17 -6.34 11.09 3.83
C ARG C 17 -7.85 11.32 3.75
N TYR C 18 -8.63 10.37 4.25
CA TYR C 18 -10.08 10.47 4.20
C TYR C 18 -10.65 11.13 5.46
N VAL C 19 -9.77 11.70 6.27
CA VAL C 19 -10.19 12.36 7.50
C VAL C 19 -10.14 13.87 7.34
N ASP C 20 -11.16 14.56 7.86
CA ASP C 20 -11.22 16.01 7.77
C ASP C 20 -10.19 16.67 8.69
N ASP C 21 -9.61 17.76 8.22
CA ASP C 21 -8.62 18.49 9.01
C ASP C 21 -7.38 17.65 9.29
N ILE C 22 -7.22 16.55 8.56
CA ILE C 22 -6.09 15.67 8.78
C ILE C 22 -4.73 16.38 8.78
N VAL C 23 -4.49 17.24 7.80
CA VAL C 23 -3.21 17.94 7.72
C VAL C 23 -2.99 18.82 8.96
N ALA C 24 -4.04 19.52 9.40
CA ALA C 24 -3.95 20.38 10.56
C ALA C 24 -3.73 19.53 11.81
N THR C 25 -4.47 18.43 11.89
CA THR C 25 -4.38 17.53 13.04
C THR C 25 -3.03 16.82 13.17
N LEU C 26 -2.46 16.40 12.05
CA LEU C 26 -1.17 15.73 12.08
C LEU C 26 -0.07 16.71 12.49
N THR C 27 -0.42 17.98 12.56
CA THR C 27 0.52 19.01 12.96
C THR C 27 0.65 19.04 14.47
N THR C 28 -0.42 18.61 15.15
CA THR C 28 -0.44 18.58 16.60
C THR C 28 0.32 17.37 17.16
N LEU C 29 0.62 16.40 16.30
CA LEU C 29 1.33 15.19 16.74
C LEU C 29 2.86 15.24 16.63
N ARG C 30 3.49 14.47 17.50
CA ARG C 30 4.94 14.34 17.55
C ARG C 30 5.23 12.92 18.03
N VAL C 31 6.40 12.39 17.71
CA VAL C 31 6.75 11.04 18.16
C VAL C 31 6.91 11.03 19.68
N GLY C 32 6.37 10.00 20.33
CA GLY C 32 6.48 9.91 21.78
C GLY C 32 5.25 10.46 22.49
N MET C 33 4.30 10.94 21.71
CA MET C 33 3.07 11.50 22.23
C MET C 33 2.01 10.41 22.28
N ALA C 34 1.04 10.55 23.19
CA ALA C 34 -0.02 9.55 23.32
C ALA C 34 -1.24 9.85 22.45
N VAL C 35 -1.94 8.81 22.04
CA VAL C 35 -3.14 8.95 21.22
C VAL C 35 -4.22 8.06 21.81
N LEU C 36 -5.48 8.44 21.62
CA LEU C 36 -6.60 7.66 22.15
C LEU C 36 -7.19 6.72 21.11
N LEU C 37 -7.75 5.61 21.58
CA LEU C 37 -8.38 4.61 20.73
C LEU C 37 -9.88 4.56 21.02
N GLN C 38 -10.66 4.23 20.00
CA GLN C 38 -12.11 4.16 20.15
C GLN C 38 -12.70 2.99 19.38
N ARG C 39 -13.26 2.03 20.10
CA ARG C 39 -13.86 0.87 19.46
C ARG C 39 -15.15 1.30 18.77
N GLU C 40 -15.38 0.76 17.57
CA GLU C 40 -16.59 1.07 16.81
C GLU C 40 -17.10 -0.22 16.19
N SER C 41 -17.54 -1.14 17.04
CA SER C 41 -18.05 -2.43 16.61
C SER C 41 -19.28 -2.28 15.72
N GLY C 42 -19.89 -1.09 15.75
CA GLY C 42 -21.06 -0.85 14.94
C GLY C 42 -20.74 -0.39 13.52
N ASN C 43 -19.45 -0.31 13.19
CA ASN C 43 -19.04 0.13 11.87
C ASN C 43 -19.69 -0.75 10.79
N GLN C 44 -20.30 -0.09 9.81
CA GLN C 44 -20.98 -0.77 8.72
C GLN C 44 -20.06 -1.46 7.73
N TYR C 45 -18.79 -1.14 7.77
CA TYR C 45 -17.84 -1.74 6.83
C TYR C 45 -16.94 -2.79 7.48
N ASP C 46 -16.73 -2.66 8.79
CA ASP C 46 -15.86 -3.56 9.51
C ASP C 46 -16.17 -3.50 11.00
N ASP C 47 -16.75 -4.59 11.54
CA ASP C 47 -17.10 -4.60 12.96
C ASP C 47 -15.92 -4.66 13.93
N ASN C 48 -14.70 -4.76 13.40
CA ASN C 48 -13.52 -4.76 14.26
C ASN C 48 -12.89 -3.39 14.19
N ALA C 49 -13.63 -2.44 13.62
CA ALA C 49 -13.17 -1.07 13.46
C ALA C 49 -12.73 -0.40 14.75
N ILE C 50 -11.59 0.27 14.68
CA ILE C 50 -11.00 1.00 15.81
C ILE C 50 -10.38 2.29 15.27
N SER C 51 -11.00 3.42 15.60
CA SER C 51 -10.50 4.72 15.15
C SER C 51 -9.45 5.23 16.14
N VAL C 52 -8.63 6.16 15.68
CA VAL C 52 -7.57 6.74 16.50
C VAL C 52 -7.73 8.26 16.59
N TRP C 53 -7.63 8.79 17.81
CA TRP C 53 -7.79 10.23 18.03
C TRP C 53 -6.66 10.85 18.83
N THR C 54 -6.44 12.15 18.64
CA THR C 54 -5.41 12.87 19.38
C THR C 54 -5.97 13.12 20.78
N LEU C 55 -5.10 13.50 21.71
CA LEU C 55 -5.50 13.75 23.08
C LEU C 55 -6.58 14.82 23.19
N GLN C 56 -6.71 15.65 22.17
CA GLN C 56 -7.71 16.71 22.17
C GLN C 56 -8.94 16.25 21.39
N HIS C 57 -9.03 14.93 21.19
CA HIS C 57 -10.13 14.29 20.49
C HIS C 57 -10.36 14.73 19.05
N ALA C 58 -9.28 14.80 18.28
CA ALA C 58 -9.34 15.17 16.88
C ALA C 58 -9.01 13.88 16.13
N LYS C 59 -9.83 13.53 15.15
CA LYS C 59 -9.63 12.28 14.41
C LYS C 59 -8.34 12.18 13.60
N LEU C 60 -7.71 11.01 13.68
CA LEU C 60 -6.47 10.73 12.96
C LEU C 60 -6.67 9.69 11.87
N GLY C 61 -7.47 8.66 12.16
CA GLY C 61 -7.71 7.61 11.19
C GLY C 61 -8.10 6.32 11.86
N TYR C 62 -7.73 5.19 11.26
CA TYR C 62 -8.07 3.89 11.82
C TYR C 62 -6.91 2.91 11.85
N ILE C 63 -7.01 1.92 12.72
CA ILE C 63 -5.98 0.89 12.82
C ILE C 63 -6.21 -0.02 11.61
N ALA C 64 -5.13 -0.34 10.90
CA ALA C 64 -5.23 -1.19 9.71
C ALA C 64 -6.17 -2.36 9.91
N ARG C 65 -6.84 -2.76 8.84
CA ARG C 65 -7.79 -3.86 8.90
C ARG C 65 -7.09 -5.17 9.22
N TYR C 66 -5.85 -5.33 8.74
CA TYR C 66 -5.09 -6.56 8.99
C TYR C 66 -4.47 -6.62 10.37
N GLN C 67 -4.73 -5.59 11.19
CA GLN C 67 -4.22 -5.51 12.55
C GLN C 67 -5.34 -5.19 13.53
N ASN C 68 -6.58 -5.30 13.05
CA ASN C 68 -7.79 -5.04 13.80
C ASN C 68 -8.13 -6.04 14.92
N GLN C 69 -8.53 -7.24 14.48
CA GLN C 69 -8.95 -8.34 15.34
C GLN C 69 -8.31 -8.49 16.72
N PRO C 70 -6.99 -8.74 16.78
CA PRO C 70 -6.33 -8.90 18.08
C PRO C 70 -6.77 -7.88 19.13
N TYR C 71 -6.81 -6.61 18.73
CA TYR C 71 -7.18 -5.53 19.63
C TYR C 71 -8.69 -5.34 19.79
N ALA C 72 -9.43 -5.48 18.69
CA ALA C 72 -10.88 -5.33 18.75
C ALA C 72 -11.45 -6.27 19.81
N THR C 73 -10.97 -7.51 19.82
CA THR C 73 -11.41 -8.51 20.77
C THR C 73 -11.11 -8.07 22.21
N LEU C 74 -9.86 -7.68 22.46
CA LEU C 74 -9.45 -7.23 23.79
C LEU C 74 -10.33 -6.10 24.29
N MET C 75 -10.53 -5.09 23.45
CA MET C 75 -11.36 -3.96 23.83
C MET C 75 -12.79 -4.41 24.13
N ASP C 76 -13.29 -5.39 23.38
CA ASP C 76 -14.64 -5.89 23.61
C ASP C 76 -14.71 -6.73 24.89
N GLN C 77 -13.56 -7.02 25.47
CA GLN C 77 -13.51 -7.82 26.69
C GLN C 77 -13.36 -6.88 27.88
N GLY C 78 -13.36 -5.57 27.61
CA GLY C 78 -13.26 -4.59 28.66
C GLY C 78 -11.93 -3.92 28.92
N GLN C 79 -10.86 -4.42 28.31
CA GLN C 79 -9.53 -3.85 28.50
C GLN C 79 -9.39 -2.43 27.98
N ARG C 80 -8.64 -1.60 28.70
CA ARG C 80 -8.41 -0.22 28.30
C ARG C 80 -7.11 -0.11 27.50
N LEU C 81 -7.24 0.18 26.20
CA LEU C 81 -6.07 0.29 25.35
C LEU C 81 -5.88 1.71 24.84
N TYR C 82 -4.63 2.04 24.52
CA TYR C 82 -4.30 3.34 23.97
C TYR C 82 -2.98 3.16 23.23
N GLY C 83 -2.49 4.22 22.61
CA GLY C 83 -1.26 4.10 21.88
C GLY C 83 -0.25 5.20 22.14
N ILE C 84 0.92 5.02 21.54
CA ILE C 84 2.02 5.96 21.63
C ILE C 84 2.57 6.09 20.21
N VAL C 85 2.74 7.32 19.73
CA VAL C 85 3.25 7.54 18.38
C VAL C 85 4.71 7.15 18.25
N THR C 86 4.98 6.13 17.44
CA THR C 86 6.32 5.63 17.22
C THR C 86 6.92 6.13 15.91
N VAL C 87 6.08 6.26 14.89
CA VAL C 87 6.51 6.72 13.58
C VAL C 87 5.58 7.80 13.04
N LEU C 88 6.17 8.84 12.45
CA LEU C 88 5.37 9.94 11.91
C LEU C 88 5.96 10.50 10.62
N ASP C 89 5.13 10.60 9.60
CA ASP C 89 5.56 11.14 8.32
C ASP C 89 4.44 12.03 7.79
N GLN C 90 4.50 13.32 8.12
CA GLN C 90 3.48 14.28 7.69
C GLN C 90 3.20 14.21 6.19
N GLN C 91 4.23 14.43 5.38
CA GLN C 91 4.09 14.41 3.93
C GLN C 91 3.32 13.18 3.45
N LYS C 92 3.71 12.00 3.92
CA LYS C 92 3.05 10.76 3.52
C LYS C 92 1.85 10.41 4.39
N GLN C 93 1.50 11.31 5.30
CA GLN C 93 0.37 11.09 6.21
C GLN C 93 0.41 9.65 6.74
N HIS C 94 1.61 9.21 7.11
CA HIS C 94 1.80 7.86 7.63
C HIS C 94 1.99 7.89 9.15
N LEU C 95 1.29 6.99 9.85
CA LEU C 95 1.34 6.96 11.31
C LEU C 95 1.37 5.54 11.87
N GLU C 96 2.31 5.28 12.77
CA GLU C 96 2.41 3.97 13.41
C GLU C 96 2.45 4.19 14.91
N LEU C 97 1.91 3.24 15.66
CA LEU C 97 1.87 3.34 17.11
C LEU C 97 2.23 2.01 17.75
N MET C 98 2.56 2.07 19.03
CA MET C 98 2.82 0.88 19.85
C MET C 98 1.60 0.95 20.75
N LEU C 99 0.84 -0.13 20.84
CA LEU C 99 -0.36 -0.12 21.67
C LEU C 99 -0.06 -0.56 23.10
N TRP C 100 -0.70 0.11 24.04
CA TRP C 100 -0.53 -0.19 25.46
C TRP C 100 -1.87 -0.54 26.11
N ARG C 101 -1.84 -1.51 27.02
CA ARG C 101 -3.03 -1.93 27.73
C ARG C 101 -2.92 -1.37 29.14
N LEU C 102 -3.80 -0.43 29.47
CA LEU C 102 -3.82 0.18 30.79
C LEU C 102 -4.61 -0.69 31.75
N GLU C 103 -4.11 -0.86 32.97
CA GLU C 103 -4.81 -1.66 33.96
C GLU C 103 -4.36 -1.40 35.39
N ASP D 3 -11.97 -2.65 -30.69
CA ASP D 3 -11.08 -1.49 -30.95
C ASP D 3 -9.71 -1.93 -31.41
N ALA D 4 -8.78 -0.98 -31.52
CA ALA D 4 -7.44 -1.27 -31.97
C ALA D 4 -6.34 -1.01 -30.95
N ALA D 5 -5.24 -1.75 -31.11
CA ALA D 5 -4.09 -1.63 -30.25
C ALA D 5 -2.89 -1.31 -31.13
N VAL D 6 -2.09 -0.34 -30.72
CA VAL D 6 -0.92 0.05 -31.47
C VAL D 6 0.33 -0.36 -30.70
N ALA D 7 1.25 -1.04 -31.37
CA ALA D 7 2.48 -1.48 -30.74
C ALA D 7 3.40 -0.29 -30.54
N LEU D 8 4.16 -0.30 -29.44
CA LEU D 8 5.09 0.76 -29.14
C LEU D 8 6.50 0.18 -29.29
N ASP D 9 7.04 -0.40 -28.23
CA ASP D 9 8.37 -1.00 -28.29
C ASP D 9 8.59 -1.94 -27.10
N THR D 10 9.72 -2.65 -27.10
CA THR D 10 10.04 -3.58 -26.03
C THR D 10 10.70 -2.93 -24.82
N VAL D 11 10.42 -3.47 -23.63
CA VAL D 11 10.98 -2.97 -22.39
C VAL D 11 11.38 -4.16 -21.55
N THR D 12 12.33 -3.96 -20.65
CA THR D 12 12.77 -5.04 -19.78
C THR D 12 12.19 -4.81 -18.39
N VAL D 13 11.69 -5.87 -17.78
CA VAL D 13 11.13 -5.80 -16.44
C VAL D 13 12.22 -6.22 -15.46
N VAL D 14 12.46 -5.39 -14.45
CA VAL D 14 13.50 -5.70 -13.48
C VAL D 14 12.98 -5.66 -12.05
N GLY D 15 13.90 -5.82 -11.10
CA GLY D 15 13.53 -5.80 -9.70
C GLY D 15 12.79 -7.05 -9.24
N GLU D 16 12.89 -8.13 -10.02
CA GLU D 16 12.22 -9.37 -9.69
C GLU D 16 12.72 -9.97 -8.37
N ARG D 17 14.03 -10.03 -8.18
CA ARG D 17 14.60 -10.62 -6.98
C ARG D 17 14.06 -9.97 -5.70
N TYR D 18 13.40 -8.83 -5.85
CA TYR D 18 12.85 -8.12 -4.70
C TYR D 18 11.36 -8.36 -4.51
N VAL D 19 10.79 -9.18 -5.38
CA VAL D 19 9.36 -9.48 -5.31
C VAL D 19 9.14 -10.79 -4.58
N ASP D 20 8.18 -10.82 -3.67
CA ASP D 20 7.88 -12.03 -2.91
C ASP D 20 7.17 -13.03 -3.81
N ASP D 21 7.48 -14.32 -3.62
CA ASP D 21 6.88 -15.39 -4.41
C ASP D 21 7.14 -15.22 -5.89
N ILE D 22 8.16 -14.43 -6.23
CA ILE D 22 8.50 -14.18 -7.63
C ILE D 22 8.78 -15.49 -8.36
N VAL D 23 9.33 -16.47 -7.66
CA VAL D 23 9.64 -17.76 -8.28
C VAL D 23 8.34 -18.44 -8.71
N ALA D 24 7.37 -18.47 -7.81
CA ALA D 24 6.08 -19.07 -8.09
C ALA D 24 5.30 -18.30 -9.15
N THR D 25 5.45 -16.97 -9.15
CA THR D 25 4.76 -16.10 -10.09
C THR D 25 5.22 -16.34 -11.52
N LEU D 26 6.53 -16.30 -11.75
CA LEU D 26 7.07 -16.52 -13.09
C LEU D 26 6.60 -17.83 -13.69
N THR D 27 6.22 -18.78 -12.83
CA THR D 27 5.73 -20.09 -13.28
C THR D 27 4.42 -19.96 -14.04
N THR D 28 3.55 -19.05 -13.61
CA THR D 28 2.26 -18.83 -14.25
C THR D 28 2.40 -17.90 -15.43
N LEU D 29 3.61 -17.80 -15.98
CA LEU D 29 3.84 -16.90 -17.11
C LEU D 29 4.42 -17.61 -18.33
N ARG D 30 4.01 -17.16 -19.52
CA ARG D 30 4.47 -17.74 -20.77
C ARG D 30 4.68 -16.64 -21.82
N VAL D 31 5.53 -16.90 -22.79
CA VAL D 31 5.79 -15.93 -23.85
C VAL D 31 4.53 -15.84 -24.71
N GLY D 32 4.19 -14.63 -25.14
CA GLY D 32 2.99 -14.46 -25.96
C GLY D 32 1.77 -14.33 -25.08
N MET D 33 1.99 -14.08 -23.80
CA MET D 33 0.93 -13.92 -22.82
C MET D 33 0.97 -12.46 -22.39
N ALA D 34 -0.19 -11.86 -22.15
CA ALA D 34 -0.24 -10.47 -21.75
C ALA D 34 -0.16 -10.27 -20.24
N VAL D 35 0.46 -9.16 -19.86
CA VAL D 35 0.60 -8.79 -18.45
C VAL D 35 -0.01 -7.41 -18.28
N LEU D 36 -0.21 -6.99 -17.04
CA LEU D 36 -0.80 -5.68 -16.77
C LEU D 36 0.23 -4.68 -16.25
N LEU D 37 -0.07 -3.40 -16.44
CA LEU D 37 0.82 -2.33 -16.00
C LEU D 37 0.13 -1.40 -15.00
N GLN D 38 0.85 -1.03 -13.95
CA GLN D 38 0.31 -0.13 -12.95
C GLN D 38 1.22 1.07 -12.73
N ARG D 39 0.71 2.25 -13.07
CA ARG D 39 1.46 3.48 -12.92
C ARG D 39 1.64 3.75 -11.41
N GLU D 40 2.81 4.23 -11.02
CA GLU D 40 3.10 4.51 -9.61
C GLU D 40 3.81 5.86 -9.43
N SER D 41 3.08 6.94 -9.65
CA SER D 41 3.64 8.29 -9.53
C SER D 41 4.05 8.63 -8.09
N GLY D 42 3.53 7.88 -7.13
CA GLY D 42 3.86 8.13 -5.74
C GLY D 42 5.00 7.26 -5.22
N ASN D 43 5.63 6.49 -6.11
CA ASN D 43 6.74 5.61 -5.73
C ASN D 43 7.88 6.47 -5.21
N GLN D 44 8.24 6.26 -3.94
CA GLN D 44 9.30 7.05 -3.31
C GLN D 44 10.69 6.94 -3.94
N TYR D 45 10.87 6.00 -4.86
CA TYR D 45 12.16 5.81 -5.51
C TYR D 45 12.23 6.38 -6.93
N ASP D 46 11.06 6.58 -7.54
CA ASP D 46 10.99 7.09 -8.91
C ASP D 46 9.53 7.45 -9.24
N ASP D 47 9.29 8.73 -9.51
CA ASP D 47 7.93 9.17 -9.81
C ASP D 47 7.47 8.88 -11.24
N ASN D 48 8.17 7.97 -11.91
CA ASN D 48 7.82 7.57 -13.28
C ASN D 48 7.70 6.05 -13.29
N ALA D 49 7.80 5.46 -12.11
CA ALA D 49 7.74 4.01 -11.95
C ALA D 49 6.48 3.40 -12.53
N ILE D 50 6.64 2.19 -13.07
CA ILE D 50 5.52 1.45 -13.65
C ILE D 50 5.75 -0.01 -13.28
N SER D 51 4.87 -0.55 -12.45
CA SER D 51 4.99 -1.95 -12.05
C SER D 51 4.23 -2.88 -13.01
N VAL D 52 4.76 -4.10 -13.17
CA VAL D 52 4.17 -5.09 -14.06
C VAL D 52 3.54 -6.23 -13.24
N TRP D 53 2.36 -6.67 -13.65
CA TRP D 53 1.65 -7.73 -12.94
C TRP D 53 1.07 -8.76 -13.91
N THR D 54 0.72 -9.93 -13.38
CA THR D 54 0.13 -10.98 -14.21
C THR D 54 -1.36 -10.70 -14.25
N LEU D 55 -2.11 -11.55 -14.94
CA LEU D 55 -3.55 -11.38 -15.04
C LEU D 55 -4.22 -11.73 -13.71
N GLN D 56 -3.52 -12.53 -12.90
CA GLN D 56 -4.05 -12.92 -11.59
C GLN D 56 -3.57 -11.92 -10.54
N HIS D 57 -2.97 -10.84 -11.03
CA HIS D 57 -2.45 -9.75 -10.21
C HIS D 57 -1.34 -10.09 -9.20
N ALA D 58 -0.32 -10.81 -9.65
CA ALA D 58 0.82 -11.14 -8.80
C ALA D 58 1.93 -10.24 -9.34
N LYS D 59 2.70 -9.61 -8.46
CA LYS D 59 3.75 -8.71 -8.88
C LYS D 59 4.90 -9.40 -9.61
N LEU D 60 5.38 -8.75 -10.67
CA LEU D 60 6.47 -9.28 -11.48
C LEU D 60 7.71 -8.41 -11.36
N GLY D 61 7.50 -7.09 -11.24
CA GLY D 61 8.63 -6.18 -11.13
C GLY D 61 8.30 -4.80 -11.69
N TYR D 62 9.30 -4.14 -12.26
CA TYR D 62 9.13 -2.81 -12.81
C TYR D 62 9.77 -2.60 -14.18
N ILE D 63 9.18 -1.70 -14.97
CA ILE D 63 9.72 -1.36 -16.28
C ILE D 63 11.08 -0.75 -15.94
N ALA D 64 12.13 -1.16 -16.64
CA ALA D 64 13.46 -0.62 -16.38
C ALA D 64 13.41 0.91 -16.25
N ARG D 65 14.22 1.44 -15.35
CA ARG D 65 14.27 2.88 -15.08
C ARG D 65 14.61 3.77 -16.27
N TYR D 66 15.49 3.30 -17.15
CA TYR D 66 15.89 4.08 -18.31
C TYR D 66 14.91 3.94 -19.46
N GLN D 67 13.78 3.30 -19.21
CA GLN D 67 12.75 3.09 -20.23
C GLN D 67 11.40 3.60 -19.73
N ASN D 68 11.39 4.08 -18.49
CA ASN D 68 10.22 4.62 -17.80
C ASN D 68 9.42 5.75 -18.47
N GLN D 69 10.02 6.94 -18.42
CA GLN D 69 9.42 8.17 -18.94
C GLN D 69 8.44 8.10 -20.09
N PRO D 70 8.88 7.60 -21.27
CA PRO D 70 7.96 7.53 -22.42
C PRO D 70 6.58 6.97 -22.09
N TYR D 71 6.56 5.84 -21.38
CA TYR D 71 5.31 5.18 -21.05
C TYR D 71 4.59 5.82 -19.86
N ALA D 72 5.34 6.25 -18.86
CA ALA D 72 4.74 6.90 -17.70
C ALA D 72 3.95 8.11 -18.21
N THR D 73 4.53 8.83 -19.17
CA THR D 73 3.87 10.00 -19.74
C THR D 73 2.55 9.61 -20.41
N LEU D 74 2.58 8.60 -21.27
CA LEU D 74 1.36 8.14 -21.95
C LEU D 74 0.26 7.84 -20.94
N MET D 75 0.58 7.02 -19.95
CA MET D 75 -0.39 6.65 -18.91
C MET D 75 -0.92 7.86 -18.13
N ASP D 76 -0.06 8.84 -17.87
CA ASP D 76 -0.46 10.05 -17.14
C ASP D 76 -1.37 10.94 -17.96
N GLN D 77 -1.38 10.75 -19.27
CA GLN D 77 -2.22 11.56 -20.12
C GLN D 77 -3.40 10.76 -20.66
N GLY D 78 -3.91 9.89 -19.80
CA GLY D 78 -5.07 9.07 -20.14
C GLY D 78 -4.96 7.91 -21.11
N GLN D 79 -3.76 7.53 -21.51
CA GLN D 79 -3.62 6.42 -22.46
C GLN D 79 -3.56 5.05 -21.77
N ARG D 80 -4.21 4.07 -22.39
CA ARG D 80 -4.28 2.71 -21.86
C ARG D 80 -3.17 1.84 -22.47
N LEU D 81 -2.30 1.31 -21.61
CA LEU D 81 -1.20 0.48 -22.06
C LEU D 81 -1.20 -0.90 -21.38
N TYR D 82 -0.55 -1.86 -22.02
CA TYR D 82 -0.41 -3.21 -21.49
C TYR D 82 0.73 -3.88 -22.25
N GLY D 83 1.17 -5.04 -21.79
CA GLY D 83 2.27 -5.70 -22.46
C GLY D 83 2.09 -7.17 -22.77
N ILE D 84 2.85 -7.64 -23.75
CA ILE D 84 2.83 -9.04 -24.14
C ILE D 84 4.22 -9.56 -23.86
N VAL D 85 4.30 -10.72 -23.20
CA VAL D 85 5.57 -11.35 -22.87
C VAL D 85 6.32 -11.74 -24.15
N THR D 86 7.50 -11.17 -24.34
CA THR D 86 8.31 -11.47 -25.51
C THR D 86 9.53 -12.31 -25.16
N VAL D 87 10.03 -12.16 -23.94
CA VAL D 87 11.19 -12.91 -23.48
C VAL D 87 10.99 -13.33 -22.04
N LEU D 88 11.26 -14.60 -21.75
CA LEU D 88 11.11 -15.13 -20.39
C LEU D 88 12.11 -16.23 -20.07
N ASP D 89 12.78 -16.09 -18.92
CA ASP D 89 13.75 -17.08 -18.48
C ASP D 89 13.49 -17.25 -16.98
N GLN D 90 12.82 -18.34 -16.64
CA GLN D 90 12.50 -18.64 -15.25
C GLN D 90 13.71 -18.56 -14.31
N GLN D 91 14.71 -19.37 -14.60
CA GLN D 91 15.91 -19.42 -13.77
C GLN D 91 16.63 -18.09 -13.60
N LYS D 92 16.93 -17.43 -14.73
CA LYS D 92 17.63 -16.14 -14.66
C LYS D 92 16.69 -15.00 -14.27
N GLN D 93 15.39 -15.32 -14.19
CA GLN D 93 14.37 -14.34 -13.83
C GLN D 93 14.44 -13.13 -14.78
N HIS D 94 14.70 -13.41 -16.06
CA HIS D 94 14.78 -12.39 -17.09
C HIS D 94 13.39 -12.27 -17.73
N LEU D 95 12.92 -11.04 -17.89
CA LEU D 95 11.59 -10.82 -18.47
C LEU D 95 11.53 -9.56 -19.33
N GLU D 96 11.00 -9.70 -20.55
CA GLU D 96 10.87 -8.58 -21.47
C GLU D 96 9.48 -8.58 -22.09
N LEU D 97 8.96 -7.39 -22.38
CA LEU D 97 7.63 -7.27 -22.95
C LEU D 97 7.59 -6.35 -24.15
N MET D 98 6.50 -6.47 -24.90
CA MET D 98 6.26 -5.59 -26.04
C MET D 98 5.07 -4.81 -25.51
N LEU D 99 5.20 -3.49 -25.42
CA LEU D 99 4.12 -2.67 -24.93
C LEU D 99 3.16 -2.26 -26.05
N TRP D 100 1.88 -2.21 -25.73
CA TRP D 100 0.84 -1.84 -26.68
C TRP D 100 -0.01 -0.72 -26.10
N ARG D 101 -0.64 0.05 -26.98
CA ARG D 101 -1.49 1.17 -26.59
C ARG D 101 -2.87 1.03 -27.23
N LEU D 102 -3.91 1.15 -26.41
CA LEU D 102 -5.27 1.07 -26.92
C LEU D 102 -5.64 2.38 -27.62
N GLU D 103 -5.92 2.28 -28.92
CA GLU D 103 -6.26 3.46 -29.69
C GLU D 103 -7.75 3.76 -29.60
#